data_8YNX
#
_entry.id   8YNX
#
_cell.length_a   112.621
_cell.length_b   112.621
_cell.length_c   128.204
_cell.angle_alpha   90.000
_cell.angle_beta   90.000
_cell.angle_gamma   90.000
#
_symmetry.space_group_name_H-M   'P 41 21 2'
#
loop_
_entity.id
_entity.type
_entity.pdbx_description
1 polymer 'Cag pathogenicity island protein 3'
2 polymer 'Cag pathogenicity island protein T'
3 water water
#
loop_
_entity_poly.entity_id
_entity_poly.type
_entity_poly.pdbx_seq_one_letter_code
_entity_poly.pdbx_strand_id
1 'polypeptide(L)'
;GPLGSKEISEADKVIKATKETKETKKEVKRLKKEAKQRQQIPDHKKPQYASVDDTKTQALFDIYDTLNVNDKSFGDWFGN
SALKDKTYLYAMDLLDYNNYLSIENPIIKTRAMGTYADLIIITGSLEQVNGYYNILKALNKRNAKFVLKINENMPYAQAT
FLRVPKRSDPNAHTLDKGASIDENKLFEQQKRAYFNYANDVICRPNDEVCSPLRD
;
A
2 'polypeptide(L)'
;HHHHHHMDKLKDTPFMVQVKLPNYKDYLLDNKQVVLTFKLVHHSKKITLIGDANKILQYKNYFQANGARSDIDFYLQPTL
NQKGVVMIASNYNDNPNSKEKPQTFDVLQGSQPMLGANT
;
B
#
# COMPACT_ATOMS: atom_id res chain seq x y z
N GLN A 40 -0.26 -12.00 16.64
CA GLN A 40 0.58 -12.06 15.44
C GLN A 40 1.41 -10.79 15.22
N ILE A 41 0.78 -9.62 15.25
CA ILE A 41 1.46 -8.34 15.11
C ILE A 41 1.64 -7.74 16.50
N PRO A 42 2.86 -7.55 16.99
CA PRO A 42 3.04 -6.88 18.29
C PRO A 42 2.26 -5.58 18.35
N ASP A 43 1.86 -5.20 19.57
CA ASP A 43 0.93 -4.09 19.70
C ASP A 43 1.59 -2.74 19.38
N HIS A 44 2.88 -2.57 19.66
CA HIS A 44 3.48 -1.30 19.30
C HIS A 44 3.78 -1.20 17.81
N LYS A 45 3.70 -2.31 17.08
CA LYS A 45 3.93 -2.27 15.65
C LYS A 45 2.64 -2.06 14.84
N LYS A 46 1.47 -2.13 15.48
CA LYS A 46 0.23 -1.87 14.78
C LYS A 46 0.17 -0.41 14.35
N PRO A 47 -0.42 -0.14 13.17
CA PRO A 47 -0.50 1.25 12.70
C PRO A 47 -1.37 2.07 13.64
N GLN A 48 -1.04 3.34 13.80
CA GLN A 48 -1.72 4.13 14.80
C GLN A 48 -1.95 5.56 14.32
N TYR A 49 -3.06 6.14 14.76
CA TYR A 49 -3.34 7.55 14.55
C TYR A 49 -2.82 8.34 15.74
N ALA A 50 -2.54 9.63 15.54
CA ALA A 50 -1.93 10.39 16.61
C ALA A 50 -2.11 11.88 16.37
N SER A 51 -2.71 12.59 17.33
CA SER A 51 -3.15 13.97 17.12
C SER A 51 -1.93 14.88 16.99
N VAL A 52 -1.65 15.28 15.74
CA VAL A 52 -0.45 16.06 15.45
C VAL A 52 -0.59 17.53 15.74
N ASP A 53 -1.73 17.97 16.26
CA ASP A 53 -2.01 19.38 16.44
C ASP A 53 -3.32 19.49 17.18
N ASP A 54 -3.75 20.73 17.42
CA ASP A 54 -5.09 20.94 17.94
C ASP A 54 -6.18 20.74 16.89
N THR A 55 -5.82 20.45 15.64
CA THR A 55 -6.82 20.05 14.64
C THR A 55 -7.44 18.72 15.03
N LYS A 56 -8.69 18.54 14.63
CA LYS A 56 -9.34 17.24 14.76
C LYS A 56 -8.71 16.19 13.85
N THR A 57 -8.02 16.59 12.78
CA THR A 57 -7.43 15.63 11.83
C THR A 57 -6.17 15.03 12.44
N GLN A 58 -6.23 13.75 12.79
CA GLN A 58 -5.09 13.01 13.30
C GLN A 58 -4.27 12.49 12.13
N ALA A 59 -3.04 12.07 12.39
CA ALA A 59 -2.18 11.58 11.33
C ALA A 59 -1.88 10.09 11.51
N LEU A 60 -1.74 9.39 10.39
CA LEU A 60 -1.54 7.94 10.42
C LEU A 60 -0.05 7.64 10.50
N PHE A 61 0.34 6.86 11.51
CA PHE A 61 1.72 6.40 11.63
C PHE A 61 1.78 4.89 11.42
N ASP A 62 2.32 4.47 10.27
CA ASP A 62 2.57 3.06 10.02
C ASP A 62 4.07 2.82 9.90
N ILE A 63 4.81 3.01 11.00
CA ILE A 63 6.26 3.00 10.90
C ILE A 63 6.80 1.62 10.65
N TYR A 64 6.01 0.58 10.93
CA TYR A 64 6.52 -0.78 10.91
C TYR A 64 6.06 -1.58 9.69
N ASP A 65 5.49 -0.93 8.69
CA ASP A 65 4.87 -1.56 7.51
C ASP A 65 3.93 -2.70 7.93
N THR A 66 2.89 -2.35 8.69
CA THR A 66 1.94 -3.36 9.14
C THR A 66 0.49 -2.98 8.84
N LEU A 67 0.25 -1.84 8.19
CA LEU A 67 -1.09 -1.52 7.70
C LEU A 67 -1.41 -2.43 6.52
N ASN A 68 -2.32 -3.37 6.74
CA ASN A 68 -2.75 -4.21 5.63
C ASN A 68 -3.72 -3.46 4.74
N VAL A 69 -3.56 -3.64 3.45
CA VAL A 69 -4.30 -2.85 2.48
C VAL A 69 -5.78 -3.21 2.49
N ASN A 70 -6.11 -4.48 2.66
CA ASN A 70 -7.49 -4.94 2.71
C ASN A 70 -8.22 -4.49 3.97
N ASP A 71 -7.49 -3.97 4.95
CA ASP A 71 -8.03 -3.54 6.24
C ASP A 71 -8.77 -2.21 6.13
N LYS A 72 -10.07 -2.22 6.45
CA LYS A 72 -10.87 -1.00 6.41
C LYS A 72 -10.84 -0.22 7.71
N SER A 73 -10.14 -0.72 8.75
CA SER A 73 -10.19 -0.11 10.08
C SER A 73 -9.82 1.36 10.03
N PHE A 74 -8.73 1.70 9.33
CA PHE A 74 -8.18 3.04 9.41
C PHE A 74 -8.72 3.95 8.32
N GLY A 75 -9.77 3.56 7.63
CA GLY A 75 -10.33 4.34 6.55
C GLY A 75 -9.92 3.81 5.19
N ASP A 76 -10.55 4.40 4.18
CA ASP A 76 -10.44 3.96 2.79
C ASP A 76 -9.23 4.64 2.15
N TRP A 77 -8.06 4.26 2.65
CA TRP A 77 -6.81 4.81 2.12
C TRP A 77 -6.58 4.33 0.70
N PHE A 78 -6.75 3.03 0.49
CA PHE A 78 -6.50 2.39 -0.78
C PHE A 78 -7.84 2.13 -1.43
N GLY A 79 -7.89 2.24 -2.75
CA GLY A 79 -9.15 2.19 -3.45
C GLY A 79 -9.88 3.52 -3.50
N ASN A 80 -10.28 3.95 -4.69
CA ASN A 80 -10.91 5.25 -4.87
C ASN A 80 -12.42 5.13 -4.66
N SER A 81 -13.13 6.25 -4.77
CA SER A 81 -14.58 6.24 -4.79
C SER A 81 -15.11 6.57 -6.18
N ALA A 82 -14.21 6.68 -7.18
CA ALA A 82 -14.50 6.80 -8.61
C ALA A 82 -14.93 5.48 -9.25
N LEU A 83 -14.94 4.40 -8.46
CA LEU A 83 -15.47 3.11 -8.85
C LEU A 83 -16.47 2.58 -7.85
N LYS A 84 -16.62 3.22 -6.70
CA LYS A 84 -17.39 2.66 -5.58
C LYS A 84 -18.79 2.24 -6.00
N ASP A 85 -19.48 3.09 -6.77
CA ASP A 85 -20.84 2.78 -7.22
C ASP A 85 -21.00 2.84 -8.73
N LYS A 86 -19.91 3.03 -9.47
CA LYS A 86 -19.96 2.89 -10.91
C LYS A 86 -20.37 1.47 -11.24
N THR A 87 -21.35 1.33 -12.14
CA THR A 87 -21.71 0.04 -12.70
C THR A 87 -20.64 -0.43 -13.65
N TYR A 88 -20.08 -1.61 -13.41
CA TYR A 88 -19.00 -2.08 -14.26
C TYR A 88 -19.00 -3.60 -14.32
N LEU A 89 -18.28 -4.12 -15.31
CA LEU A 89 -18.17 -5.54 -15.64
C LEU A 89 -16.83 -5.75 -16.32
N TYR A 90 -15.91 -6.44 -15.67
CA TYR A 90 -14.57 -6.55 -16.22
C TYR A 90 -14.04 -7.96 -16.02
N ALA A 91 -13.23 -8.43 -16.97
CA ALA A 91 -12.69 -9.79 -16.93
C ALA A 91 -11.19 -9.77 -17.08
N MET A 92 -10.48 -10.47 -16.19
CA MET A 92 -9.03 -10.41 -16.18
C MET A 92 -8.44 -11.74 -15.76
N ASP A 93 -7.21 -11.97 -16.23
CA ASP A 93 -6.37 -13.08 -15.80
C ASP A 93 -5.69 -12.74 -14.48
N LEU A 94 -5.91 -13.55 -13.46
CA LEU A 94 -5.26 -13.31 -12.19
C LEU A 94 -3.80 -13.71 -12.26
N LEU A 95 -2.94 -12.91 -11.65
CA LEU A 95 -1.55 -13.26 -11.41
C LEU A 95 -1.45 -14.59 -10.66
N ASP A 96 -0.30 -15.26 -10.72
CA ASP A 96 -0.14 -16.48 -9.95
C ASP A 96 -0.30 -16.17 -8.47
N TYR A 97 -0.94 -17.08 -7.76
CA TYR A 97 -1.46 -16.75 -6.44
C TYR A 97 -0.33 -16.43 -5.46
N ASN A 98 0.66 -17.31 -5.32
CA ASN A 98 1.76 -17.02 -4.40
C ASN A 98 2.45 -15.73 -4.76
N ASN A 99 2.73 -15.54 -6.05
CA ASN A 99 3.36 -14.32 -6.50
C ASN A 99 2.51 -13.11 -6.12
N TYR A 100 1.21 -13.18 -6.40
CA TYR A 100 0.32 -12.07 -6.07
C TYR A 100 0.34 -11.76 -4.57
N LEU A 101 0.29 -12.81 -3.74
CA LEU A 101 0.22 -12.62 -2.29
C LEU A 101 1.38 -11.79 -1.79
N SER A 102 2.57 -12.04 -2.32
CA SER A 102 3.77 -11.47 -1.74
C SER A 102 4.05 -10.06 -2.22
N ILE A 103 3.27 -9.53 -3.17
CA ILE A 103 3.49 -8.18 -3.67
C ILE A 103 2.25 -7.32 -3.60
N GLU A 104 1.09 -7.86 -3.22
CA GLU A 104 -0.13 -7.06 -3.22
C GLU A 104 -0.01 -5.88 -2.26
N ASN A 105 0.33 -6.15 -0.99
CA ASN A 105 0.43 -5.07 -0.01
C ASN A 105 1.47 -4.03 -0.41
N PRO A 106 2.73 -4.39 -0.73
CA PRO A 106 3.71 -3.34 -1.04
C PRO A 106 3.24 -2.49 -2.20
N ILE A 107 2.76 -3.14 -3.28
CA ILE A 107 2.44 -2.41 -4.52
C ILE A 107 1.24 -1.49 -4.31
N ILE A 108 0.22 -1.97 -3.59
CA ILE A 108 -0.96 -1.13 -3.40
C ILE A 108 -0.64 0.01 -2.44
N LYS A 109 0.02 -0.29 -1.32
CA LYS A 109 0.35 0.74 -0.36
C LYS A 109 1.28 1.79 -0.95
N THR A 110 2.37 1.37 -1.60
CA THR A 110 3.25 2.29 -2.31
C THR A 110 2.49 3.22 -3.24
N ARG A 111 1.52 2.68 -3.96
CA ARG A 111 0.88 3.48 -4.99
C ARG A 111 0.02 4.56 -4.37
N ALA A 112 -0.74 4.22 -3.32
CA ALA A 112 -1.53 5.23 -2.62
C ALA A 112 -0.62 6.22 -1.92
N MET A 113 0.23 5.75 -1.00
CA MET A 113 1.03 6.65 -0.16
C MET A 113 2.03 7.44 -1.01
N GLY A 114 2.75 6.78 -1.89
CA GLY A 114 3.76 7.44 -2.68
C GLY A 114 3.22 8.44 -3.68
N THR A 115 1.94 8.37 -4.03
CA THR A 115 1.38 9.37 -4.92
C THR A 115 1.27 10.74 -4.27
N TYR A 116 1.02 10.78 -2.95
CA TYR A 116 0.66 12.02 -2.28
C TYR A 116 1.72 12.55 -1.31
N ALA A 117 2.78 11.80 -1.06
CA ALA A 117 3.77 12.19 -0.07
C ALA A 117 4.51 13.47 -0.49
N ASP A 118 5.02 14.21 0.52
CA ASP A 118 5.89 15.37 0.27
C ASP A 118 7.36 15.07 0.49
N LEU A 119 7.66 13.99 1.20
CA LEU A 119 9.03 13.54 1.37
C LEU A 119 9.01 12.05 1.15
N ILE A 120 9.91 11.56 0.31
CA ILE A 120 10.11 10.13 0.09
C ILE A 120 11.58 9.79 0.35
N ILE A 121 11.81 8.84 1.24
CA ILE A 121 13.13 8.28 1.48
C ILE A 121 13.17 6.87 0.93
N ILE A 122 14.20 6.54 0.16
CA ILE A 122 14.37 5.19 -0.34
C ILE A 122 15.68 4.67 0.17
N THR A 123 15.63 3.54 0.86
CA THR A 123 16.77 3.01 1.61
C THR A 123 17.06 1.63 1.05
N GLY A 124 18.32 1.36 0.77
CA GLY A 124 18.71 0.07 0.26
C GLY A 124 19.90 0.22 -0.66
N SER A 125 20.12 -0.84 -1.45
CA SER A 125 21.22 -0.88 -2.41
C SER A 125 21.13 0.24 -3.42
N LEU A 126 22.27 0.55 -4.05
CA LEU A 126 22.28 1.59 -5.09
C LEU A 126 21.41 1.18 -6.25
N GLU A 127 21.52 -0.09 -6.66
CA GLU A 127 20.74 -0.63 -7.77
C GLU A 127 19.24 -0.45 -7.55
N GLN A 128 18.79 -0.57 -6.30
CA GLN A 128 17.37 -0.58 -5.92
C GLN A 128 16.80 0.81 -5.67
N VAL A 129 17.49 1.62 -4.87
CA VAL A 129 17.01 2.99 -4.63
C VAL A 129 16.96 3.76 -5.95
N ASN A 130 17.87 3.47 -6.88
CA ASN A 130 17.78 4.08 -8.20
C ASN A 130 16.54 3.60 -8.91
N GLY A 131 16.34 2.27 -8.96
CA GLY A 131 15.17 1.71 -9.62
C GLY A 131 13.86 2.30 -9.11
N TYR A 132 13.77 2.47 -7.79
CA TYR A 132 12.56 3.00 -7.18
C TYR A 132 12.49 4.52 -7.21
N TYR A 133 13.63 5.21 -7.33
CA TYR A 133 13.53 6.65 -7.51
C TYR A 133 12.83 6.96 -8.81
N ASN A 134 13.18 6.24 -9.88
CA ASN A 134 12.51 6.49 -11.14
C ASN A 134 11.03 6.10 -11.08
N ILE A 135 10.72 4.99 -10.37
CA ILE A 135 9.33 4.57 -10.25
C ILE A 135 8.52 5.61 -9.51
N LEU A 136 9.08 6.14 -8.41
CA LEU A 136 8.31 6.99 -7.52
C LEU A 136 8.31 8.45 -7.97
N LYS A 137 9.41 8.97 -8.54
CA LYS A 137 9.37 10.30 -9.16
C LYS A 137 8.20 10.38 -10.12
N ALA A 138 8.05 9.34 -10.95
CA ALA A 138 6.92 9.27 -11.87
C ALA A 138 5.60 9.28 -11.12
N LEU A 139 5.47 8.39 -10.13
CA LEU A 139 4.20 8.20 -9.45
C LEU A 139 3.76 9.46 -8.71
N ASN A 140 4.69 10.18 -8.08
CA ASN A 140 4.37 11.26 -7.14
C ASN A 140 3.77 12.48 -7.82
N LYS A 141 2.63 12.91 -7.28
CA LYS A 141 1.77 13.94 -7.83
C LYS A 141 1.83 15.22 -6.97
N ARG A 142 2.76 15.27 -5.99
CA ARG A 142 2.87 16.41 -5.08
C ARG A 142 4.30 16.93 -4.98
N ASN A 143 5.13 16.74 -6.02
CA ASN A 143 6.50 17.26 -6.05
C ASN A 143 7.29 16.93 -4.80
N ALA A 144 7.35 15.66 -4.45
CA ALA A 144 8.03 15.29 -3.23
C ALA A 144 9.52 15.51 -3.39
N LYS A 145 10.19 15.71 -2.25
CA LYS A 145 11.64 15.70 -2.19
C LYS A 145 12.09 14.26 -1.99
N PHE A 146 13.10 13.85 -2.75
CA PHE A 146 13.61 12.48 -2.63
C PHE A 146 14.95 12.48 -1.91
N VAL A 147 15.08 11.60 -0.93
CA VAL A 147 16.36 11.32 -0.28
C VAL A 147 16.66 9.83 -0.46
N LEU A 148 17.81 9.52 -1.05
CA LEU A 148 18.23 8.14 -1.27
C LEU A 148 19.29 7.77 -0.24
N LYS A 149 18.96 6.85 0.67
CA LYS A 149 19.88 6.42 1.72
C LYS A 149 20.44 5.06 1.31
N ILE A 150 21.74 5.01 1.04
CA ILE A 150 22.38 3.81 0.52
C ILE A 150 22.73 2.88 1.66
N ASN A 151 22.28 1.63 1.56
CA ASN A 151 22.63 0.58 2.51
C ASN A 151 22.83 -0.69 1.69
N GLU A 152 24.09 -1.05 1.44
CA GLU A 152 24.26 -2.19 0.53
C GLU A 152 24.03 -3.53 1.21
N ASN A 153 23.71 -3.59 2.51
CA ASN A 153 23.37 -4.84 3.18
C ASN A 153 21.89 -5.17 3.14
N MET A 154 21.05 -4.28 2.61
CA MET A 154 19.61 -4.48 2.63
C MET A 154 19.21 -5.23 1.38
N PRO A 155 18.79 -6.49 1.47
CA PRO A 155 18.46 -7.25 0.25
C PRO A 155 17.24 -6.71 -0.48
N TYR A 156 16.33 -5.97 0.19
CA TYR A 156 15.20 -5.32 -0.46
C TYR A 156 15.16 -3.86 -0.02
N ALA A 157 14.78 -2.97 -0.93
CA ALA A 157 14.75 -1.54 -0.60
C ALA A 157 13.61 -1.25 0.36
N GLN A 158 13.67 -0.07 0.97
CA GLN A 158 12.62 0.35 1.90
C GLN A 158 12.26 1.80 1.66
N ALA A 159 11.01 2.05 1.33
CA ALA A 159 10.52 3.40 1.15
C ALA A 159 9.83 3.91 2.40
N THR A 160 9.96 5.22 2.61
CA THR A 160 9.43 5.93 3.76
C THR A 160 8.66 7.13 3.20
N PHE A 161 7.36 7.20 3.48
CA PHE A 161 6.46 8.16 2.84
C PHE A 161 5.92 9.12 3.90
N LEU A 162 6.27 10.40 3.81
CA LEU A 162 5.77 11.43 4.73
C LEU A 162 4.89 12.44 4.02
N ARG A 163 3.69 12.66 4.55
CA ARG A 163 2.84 13.75 4.12
C ARG A 163 2.44 14.57 5.33
N VAL A 164 2.72 15.86 5.24
CA VAL A 164 2.52 16.86 6.28
C VAL A 164 1.18 17.53 6.05
N PRO A 165 0.48 18.00 7.13
CA PRO A 165 -0.81 18.69 6.96
C PRO A 165 -0.84 19.87 5.98
N LYS A 166 -2.06 20.34 5.69
CA LYS A 166 -2.39 21.49 4.82
C LYS A 166 -1.36 21.73 3.71
N ASP A 182 9.37 31.88 3.89
CA ASP A 182 8.99 31.72 5.30
C ASP A 182 8.14 30.48 5.50
N GLU A 183 7.02 30.38 4.79
CA GLU A 183 6.24 29.14 4.86
C GLU A 183 7.07 27.93 4.47
N ASN A 184 8.23 28.15 3.84
CA ASN A 184 9.14 27.04 3.64
C ASN A 184 9.82 26.63 4.94
N LYS A 185 10.02 27.58 5.88
CA LYS A 185 10.58 27.22 7.18
C LYS A 185 9.60 26.39 7.99
N LEU A 186 8.31 26.73 7.96
CA LEU A 186 7.31 25.88 8.61
C LEU A 186 7.41 24.45 8.12
N PHE A 187 7.42 24.28 6.80
CA PHE A 187 7.52 22.96 6.19
C PHE A 187 8.65 22.15 6.83
N GLU A 188 9.83 22.76 6.99
CA GLU A 188 11.00 22.05 7.49
C GLU A 188 10.79 21.63 8.94
N GLN A 189 10.21 22.52 9.76
CA GLN A 189 9.99 22.21 11.17
C GLN A 189 8.96 21.09 11.34
N GLN A 190 7.88 21.13 10.56
CA GLN A 190 6.92 20.04 10.56
C GLN A 190 7.61 18.70 10.28
N LYS A 191 8.39 18.64 9.21
CA LYS A 191 9.12 17.42 8.88
C LYS A 191 10.00 16.96 10.04
N ARG A 192 10.62 17.89 10.76
CA ARG A 192 11.48 17.47 11.86
C ARG A 192 10.68 16.93 13.03
N ALA A 193 9.42 17.35 13.16
CA ALA A 193 8.64 16.89 14.30
C ALA A 193 8.09 15.50 14.08
N TYR A 194 7.71 15.20 12.84
CA TYR A 194 7.29 13.86 12.49
C TYR A 194 8.43 12.86 12.64
N PHE A 195 9.62 13.23 12.20
CA PHE A 195 10.74 12.31 12.39
C PHE A 195 11.11 12.17 13.86
N ASN A 196 10.81 13.18 14.68
CA ASN A 196 11.09 13.02 16.09
C ASN A 196 10.02 12.17 16.76
N TYR A 197 8.75 12.43 16.42
CA TYR A 197 7.68 11.63 17.00
C TYR A 197 7.85 10.16 16.67
N ALA A 198 8.43 9.83 15.51
CA ALA A 198 8.60 8.42 15.19
C ALA A 198 9.77 7.81 15.98
N ASN A 199 10.88 8.54 16.11
CA ASN A 199 12.03 8.03 16.85
C ASN A 199 11.76 7.92 18.34
N ASP A 200 11.30 9.02 18.95
CA ASP A 200 11.20 9.06 20.40
C ASP A 200 10.03 8.21 20.90
N VAL A 201 8.85 8.41 20.32
CA VAL A 201 7.60 7.80 20.77
C VAL A 201 7.39 6.40 20.23
N ILE A 202 7.41 6.23 18.91
CA ILE A 202 6.96 5.00 18.27
C ILE A 202 8.06 3.94 18.21
N CYS A 203 9.29 4.32 17.90
CA CYS A 203 10.35 3.36 17.66
C CYS A 203 10.97 2.87 18.96
N ARG A 204 11.18 1.56 19.05
CA ARG A 204 11.96 1.02 20.14
C ARG A 204 13.44 1.17 19.79
N PRO A 205 14.32 1.19 20.81
CA PRO A 205 15.73 1.54 20.54
C PRO A 205 16.39 0.71 19.45
N ASN A 206 16.19 -0.60 19.48
CA ASN A 206 16.87 -1.52 18.58
C ASN A 206 15.99 -2.02 17.43
N ASP A 207 14.79 -1.47 17.26
CA ASP A 207 13.98 -1.79 16.09
C ASP A 207 14.68 -1.38 14.81
N GLU A 208 14.88 -2.34 13.89
CA GLU A 208 15.72 -2.09 12.73
C GLU A 208 15.00 -1.46 11.56
N VAL A 209 13.68 -1.60 11.48
CA VAL A 209 12.90 -0.89 10.46
C VAL A 209 13.10 0.61 10.55
N CYS A 210 13.43 1.11 11.75
CA CYS A 210 13.48 2.53 12.03
C CYS A 210 14.80 3.17 11.64
N SER A 211 15.77 2.39 11.18
CA SER A 211 17.10 2.93 10.94
C SER A 211 17.14 4.04 9.88
N PRO A 212 16.33 4.03 8.82
CA PRO A 212 16.37 5.18 7.90
C PRO A 212 15.67 6.42 8.42
N LEU A 213 15.12 6.41 9.63
CA LEU A 213 14.53 7.60 10.23
C LEU A 213 15.47 8.35 11.15
N ARG A 214 16.72 7.92 11.30
CA ARG A 214 17.55 8.41 12.40
C ARG A 214 19.00 8.45 11.93
N ASP A 215 19.33 9.45 11.12
CA ASP A 215 20.65 9.52 10.55
C ASP A 215 21.74 9.96 11.56
N HIS B 6 -3.73 5.69 -6.13
CA HIS B 6 -5.02 5.59 -5.45
C HIS B 6 -5.46 6.98 -5.01
N MET B 7 -6.77 7.25 -5.02
CA MET B 7 -7.30 8.62 -4.94
C MET B 7 -8.59 8.65 -4.12
N ASP B 8 -8.51 9.11 -2.86
CA ASP B 8 -9.66 9.06 -1.93
C ASP B 8 -9.87 10.38 -1.19
N LYS B 9 -11.08 10.55 -0.64
CA LYS B 9 -11.42 11.70 0.22
C LYS B 9 -10.79 11.61 1.61
N LEU B 10 -9.98 10.58 1.88
CA LEU B 10 -9.07 10.53 3.02
C LEU B 10 -7.72 11.15 2.71
N LYS B 11 -7.53 11.72 1.52
CA LYS B 11 -6.27 12.40 1.16
C LYS B 11 -6.29 13.88 1.53
N ASP B 12 -7.03 14.21 2.58
CA ASP B 12 -6.79 15.43 3.31
C ASP B 12 -5.87 15.19 4.52
N THR B 13 -5.60 13.91 4.89
CA THR B 13 -5.06 13.34 6.13
C THR B 13 -3.54 13.17 6.06
N PRO B 14 -2.83 13.61 7.12
CA PRO B 14 -1.37 13.41 7.18
C PRO B 14 -1.00 11.97 7.50
N PHE B 15 0.12 11.54 6.94
CA PHE B 15 0.55 10.16 7.22
C PHE B 15 2.06 10.07 7.24
N MET B 16 2.54 8.96 7.80
CA MET B 16 3.96 8.61 7.80
C MET B 16 4.04 7.08 7.77
N VAL B 17 4.33 6.53 6.59
CA VAL B 17 4.17 5.11 6.31
C VAL B 17 5.48 4.58 5.74
N GLN B 18 5.94 3.44 6.25
CA GLN B 18 7.11 2.77 5.66
C GLN B 18 6.62 1.52 4.94
N VAL B 19 7.28 1.21 3.82
CA VAL B 19 6.95 0.04 3.00
C VAL B 19 8.23 -0.74 2.71
N LYS B 20 8.23 -2.03 3.02
CA LYS B 20 9.27 -2.95 2.58
C LYS B 20 8.87 -3.42 1.17
N LEU B 21 9.65 -2.97 0.17
CA LEU B 21 9.44 -3.12 -1.25
C LEU B 21 10.00 -4.45 -1.75
N PRO B 22 9.47 -4.98 -2.84
CA PRO B 22 10.12 -6.10 -3.52
C PRO B 22 11.20 -5.54 -4.44
N ASN B 23 11.83 -6.44 -5.20
CA ASN B 23 12.75 -6.03 -6.24
C ASN B 23 12.02 -5.14 -7.23
N TYR B 24 12.60 -3.95 -7.52
CA TYR B 24 11.86 -2.98 -8.33
C TYR B 24 11.56 -3.55 -9.71
N LYS B 25 12.38 -4.50 -10.18
CA LYS B 25 12.13 -5.15 -11.46
C LYS B 25 10.84 -5.95 -11.41
N ASP B 26 10.54 -6.56 -10.26
CA ASP B 26 9.26 -7.24 -10.06
C ASP B 26 8.10 -6.25 -9.99
N TYR B 27 8.26 -5.16 -9.23
CA TYR B 27 7.28 -4.07 -9.23
C TYR B 27 6.95 -3.65 -10.66
N LEU B 28 7.97 -3.28 -11.43
CA LEU B 28 7.74 -2.87 -12.81
C LEU B 28 6.96 -3.91 -13.58
N LEU B 29 7.29 -5.18 -13.38
CA LEU B 29 6.74 -6.24 -14.20
C LEU B 29 5.26 -6.47 -13.91
N ASP B 30 4.83 -6.34 -12.64
CA ASP B 30 3.50 -6.77 -12.21
C ASP B 30 2.65 -5.70 -11.51
N ASN B 31 3.12 -4.46 -11.39
CA ASN B 31 2.35 -3.50 -10.61
C ASN B 31 1.01 -3.18 -11.26
N LYS B 32 0.98 -3.02 -12.59
CA LYS B 32 -0.26 -2.66 -13.25
C LYS B 32 -1.32 -3.72 -13.05
N GLN B 33 -0.93 -5.00 -13.15
CA GLN B 33 -1.92 -6.07 -13.01
C GLN B 33 -2.33 -6.27 -11.56
N VAL B 34 -1.39 -6.10 -10.61
CA VAL B 34 -1.74 -6.16 -9.19
C VAL B 34 -2.78 -5.09 -8.84
N VAL B 35 -2.64 -3.89 -9.42
CA VAL B 35 -3.58 -2.82 -9.13
C VAL B 35 -4.98 -3.15 -9.64
N LEU B 36 -5.10 -3.60 -10.90
CA LEU B 36 -6.40 -4.11 -11.38
C LEU B 36 -7.04 -5.06 -10.39
N THR B 37 -6.37 -6.18 -10.11
CA THR B 37 -6.90 -7.18 -9.19
C THR B 37 -7.45 -6.53 -7.93
N PHE B 38 -6.64 -5.69 -7.27
CA PHE B 38 -7.11 -5.10 -6.03
C PHE B 38 -8.28 -4.15 -6.27
N LYS B 39 -8.11 -3.23 -7.23
CA LYS B 39 -9.19 -2.33 -7.64
C LYS B 39 -10.50 -3.08 -7.89
N LEU B 40 -10.42 -4.24 -8.55
CA LEU B 40 -11.63 -4.96 -8.91
C LEU B 40 -12.24 -5.70 -7.74
N VAL B 41 -11.44 -6.23 -6.81
CA VAL B 41 -12.07 -6.98 -5.72
C VAL B 41 -12.52 -6.04 -4.63
N HIS B 42 -11.82 -4.91 -4.47
CA HIS B 42 -12.13 -3.97 -3.39
C HIS B 42 -13.51 -3.40 -3.57
N HIS B 43 -13.85 -3.02 -4.80
CA HIS B 43 -15.08 -2.31 -5.11
C HIS B 43 -16.20 -3.21 -5.61
N SER B 44 -15.88 -4.41 -6.04
CA SER B 44 -16.88 -5.23 -6.69
C SER B 44 -17.88 -5.83 -5.70
N LYS B 45 -19.09 -6.05 -6.19
CA LYS B 45 -20.15 -6.74 -5.46
C LYS B 45 -20.32 -8.20 -5.87
N LYS B 46 -19.96 -8.56 -7.10
CA LYS B 46 -19.95 -9.95 -7.55
C LYS B 46 -18.58 -10.24 -8.13
N ILE B 47 -17.92 -11.29 -7.62
CA ILE B 47 -16.70 -11.83 -8.22
C ILE B 47 -16.99 -13.26 -8.68
N THR B 48 -16.49 -13.61 -9.86
CA THR B 48 -16.57 -14.97 -10.38
C THR B 48 -15.15 -15.42 -10.69
N LEU B 49 -14.80 -16.63 -10.25
CA LEU B 49 -13.46 -17.15 -10.43
C LEU B 49 -13.56 -18.43 -11.23
N ILE B 50 -12.80 -18.51 -12.32
CA ILE B 50 -12.82 -19.68 -13.22
C ILE B 50 -11.41 -20.22 -13.38
N GLY B 51 -11.20 -21.44 -12.93
CA GLY B 51 -9.88 -22.00 -13.02
C GLY B 51 -9.80 -23.26 -12.20
N ASP B 52 -8.57 -23.75 -12.10
CA ASP B 52 -8.30 -25.00 -11.40
C ASP B 52 -9.00 -24.97 -10.05
N ALA B 53 -9.67 -26.07 -9.72
CA ALA B 53 -10.49 -26.14 -8.50
C ALA B 53 -9.70 -25.67 -7.29
N ASN B 54 -8.41 -25.96 -7.26
CA ASN B 54 -7.58 -25.52 -6.16
C ASN B 54 -7.40 -24.00 -6.15
N LYS B 55 -6.81 -23.47 -7.24
CA LYS B 55 -6.38 -22.07 -7.27
C LYS B 55 -7.52 -21.11 -6.98
N ILE B 56 -8.73 -21.42 -7.46
CA ILE B 56 -9.84 -20.49 -7.25
C ILE B 56 -10.33 -20.52 -5.80
N LEU B 57 -10.24 -21.67 -5.13
CA LEU B 57 -10.59 -21.68 -3.72
C LEU B 57 -9.60 -20.86 -2.89
N GLN B 58 -8.31 -20.91 -3.23
CA GLN B 58 -7.33 -20.09 -2.51
C GLN B 58 -7.58 -18.62 -2.68
N TYR B 59 -7.89 -18.19 -3.90
CA TYR B 59 -8.15 -16.79 -4.17
C TYR B 59 -9.43 -16.34 -3.50
N LYS B 60 -10.49 -17.15 -3.58
CA LYS B 60 -11.71 -16.78 -2.89
C LYS B 60 -11.44 -16.55 -1.42
N ASN B 61 -10.51 -17.28 -0.83
CA ASN B 61 -10.31 -17.08 0.61
C ASN B 61 -9.43 -15.90 0.90
N TYR B 62 -8.35 -15.72 0.15
CA TYR B 62 -7.56 -14.52 0.30
C TYR B 62 -8.44 -13.30 0.09
N PHE B 63 -9.25 -13.32 -0.96
CA PHE B 63 -10.07 -12.15 -1.27
C PHE B 63 -11.07 -11.86 -0.16
N GLN B 64 -11.50 -12.87 0.58
CA GLN B 64 -12.54 -12.65 1.57
C GLN B 64 -12.02 -12.05 2.88
N ALA B 65 -10.70 -12.08 3.12
CA ALA B 65 -10.03 -11.17 4.06
C ALA B 65 -10.47 -11.37 5.50
N ASN B 66 -10.71 -12.63 5.88
CA ASN B 66 -11.31 -12.96 7.19
C ASN B 66 -12.66 -12.26 7.36
N GLY B 67 -13.42 -12.16 6.28
CA GLY B 67 -14.72 -11.55 6.38
C GLY B 67 -14.74 -10.04 6.27
N ALA B 68 -13.62 -9.40 5.93
CA ALA B 68 -13.71 -7.98 5.57
C ALA B 68 -14.41 -7.78 4.23
N ARG B 69 -14.61 -8.84 3.47
CA ARG B 69 -15.37 -8.85 2.22
C ARG B 69 -16.40 -9.97 2.24
N SER B 70 -17.00 -10.23 3.39
CA SER B 70 -18.05 -11.23 3.49
C SER B 70 -19.32 -10.81 2.78
N ASP B 71 -19.37 -9.58 2.29
CA ASP B 71 -20.46 -9.06 1.48
C ASP B 71 -20.30 -9.28 -0.01
N ILE B 72 -19.12 -9.69 -0.48
CA ILE B 72 -18.96 -10.03 -1.89
C ILE B 72 -19.68 -11.34 -2.14
N ASP B 73 -20.34 -11.44 -3.30
CA ASP B 73 -20.96 -12.68 -3.76
C ASP B 73 -19.98 -13.40 -4.68
N PHE B 74 -19.39 -14.48 -4.19
CA PHE B 74 -18.41 -15.25 -4.95
C PHE B 74 -19.07 -16.41 -5.68
N TYR B 75 -18.59 -16.67 -6.88
CA TYR B 75 -19.11 -17.76 -7.69
C TYR B 75 -17.91 -18.49 -8.30
N LEU B 76 -17.67 -19.73 -7.87
CA LEU B 76 -16.54 -20.53 -8.33
C LEU B 76 -16.97 -21.48 -9.43
N GLN B 77 -16.08 -21.68 -10.40
CA GLN B 77 -16.29 -22.62 -11.50
C GLN B 77 -15.03 -23.41 -11.72
N PRO B 78 -14.94 -24.60 -11.14
CA PRO B 78 -13.77 -25.45 -11.33
C PRO B 78 -13.59 -25.80 -12.79
N THR B 79 -12.34 -25.79 -13.24
CA THR B 79 -12.01 -26.34 -14.55
C THR B 79 -10.91 -27.38 -14.44
N LEU B 80 -10.55 -27.93 -15.60
CA LEU B 80 -9.41 -28.81 -15.70
C LEU B 80 -8.40 -28.22 -16.68
N ASN B 81 -8.54 -28.52 -17.96
CA ASN B 81 -7.53 -28.18 -18.96
C ASN B 81 -7.45 -26.67 -19.13
N GLN B 82 -6.98 -25.98 -18.10
CA GLN B 82 -6.93 -24.53 -18.13
C GLN B 82 -5.87 -24.12 -17.14
N LYS B 83 -4.91 -23.34 -17.59
CA LYS B 83 -3.82 -22.94 -16.73
C LYS B 83 -4.04 -21.47 -16.44
N GLY B 84 -4.13 -21.12 -15.18
CA GLY B 84 -4.51 -19.78 -14.80
C GLY B 84 -5.88 -19.75 -14.15
N VAL B 85 -6.23 -18.55 -13.66
CA VAL B 85 -7.52 -18.25 -13.07
C VAL B 85 -8.06 -16.98 -13.70
N VAL B 86 -9.31 -17.02 -14.16
CA VAL B 86 -9.99 -15.86 -14.74
C VAL B 86 -10.97 -15.28 -13.73
N MET B 87 -10.83 -14.00 -13.44
CA MET B 87 -11.76 -13.29 -12.57
C MET B 87 -12.69 -12.43 -13.41
N ILE B 88 -13.99 -12.45 -13.05
CA ILE B 88 -14.96 -11.53 -13.62
C ILE B 88 -15.59 -10.79 -12.47
N ALA B 89 -15.38 -9.47 -12.42
CA ALA B 89 -15.93 -8.64 -11.35
C ALA B 89 -17.03 -7.77 -11.92
N SER B 90 -18.16 -7.66 -11.21
CA SER B 90 -19.19 -6.71 -11.61
C SER B 90 -19.70 -5.93 -10.41
N ASN B 91 -20.14 -4.70 -10.68
CA ASN B 91 -20.66 -3.77 -9.68
C ASN B 91 -21.93 -3.14 -10.22
N TYR B 92 -22.70 -2.50 -9.33
CA TYR B 92 -23.99 -1.91 -9.69
C TYR B 92 -24.51 -1.07 -8.52
N ASN B 93 -25.28 -0.04 -8.86
CA ASN B 93 -25.76 0.85 -7.83
C ASN B 93 -27.19 0.52 -7.38
#